data_4OMV
#
_entry.id   4OMV
#
_cell.length_a   104.977
_cell.length_b   104.977
_cell.length_c   101.659
_cell.angle_alpha   90.000
_cell.angle_beta   90.000
_cell.angle_gamma   120.000
#
_symmetry.space_group_name_H-M   'P 61'
#
loop_
_entity.id
_entity.type
_entity.pdbx_description
1 polymer 'Macrophage growth locus, subunit A'
2 water water
#
_entity_poly.entity_id   1
_entity_poly.type   'polypeptide(L)'
_entity_poly.pdbx_seq_one_letter_code
;SNAMLLYTKKDDIYSDIVRMILLIKGANAKIVDVSKEENSKHLEELNIITPNGNIPTLSTDDFAVYRLSVIIEAIEDLYP
FPPMFPVFPKQRANARILLEYVNKTFLQNIIKLQSPDLDEKQANEIKMLMQRDIISTYKKIVSEREVNAESNPDAQNINV
LTLIITFVFYYFIKLKISIPTKDKNIIKEIKELLSEPNFIKTIKAK
;
_entity_poly.pdbx_strand_id   A,B
#
# COMPACT_ATOMS: atom_id res chain seq x y z
N ALA A 3 2.61 -2.99 -23.82
CA ALA A 3 1.47 -3.74 -23.32
C ALA A 3 1.68 -4.26 -21.88
N MET A 4 0.63 -4.84 -21.26
CA MET A 4 0.66 -5.40 -19.90
C MET A 4 1.45 -6.70 -19.85
N LEU A 5 2.45 -6.75 -18.98
CA LEU A 5 3.32 -7.92 -18.77
C LEU A 5 3.39 -8.27 -17.29
N LEU A 6 3.10 -9.52 -16.95
CA LEU A 6 3.17 -9.96 -15.56
C LEU A 6 4.30 -10.94 -15.39
N TYR A 7 5.27 -10.60 -14.53
CA TYR A 7 6.41 -11.43 -14.22
C TYR A 7 6.00 -12.33 -13.07
N THR A 8 5.90 -13.63 -13.35
CA THR A 8 5.47 -14.64 -12.39
C THR A 8 6.60 -15.62 -12.08
N LYS A 9 6.39 -16.43 -11.03
CA LYS A 9 7.30 -17.46 -10.56
C LYS A 9 6.43 -18.65 -10.13
N LYS A 10 6.92 -19.89 -10.38
CA LYS A 10 6.21 -21.11 -10.04
C LYS A 10 6.03 -21.22 -8.51
N ASP A 11 4.84 -21.67 -8.08
CA ASP A 11 4.39 -21.92 -6.70
C ASP A 11 4.58 -20.68 -5.80
N ASP A 12 4.25 -19.49 -6.34
CA ASP A 12 4.29 -18.22 -5.63
C ASP A 12 2.85 -17.76 -5.41
N ILE A 13 2.42 -17.67 -4.13
CA ILE A 13 1.05 -17.28 -3.77
C ILE A 13 0.67 -15.92 -4.39
N TYR A 14 1.59 -14.94 -4.36
CA TYR A 14 1.34 -13.61 -4.90
C TYR A 14 1.07 -13.62 -6.40
N SER A 15 1.87 -14.38 -7.18
CA SER A 15 1.72 -14.53 -8.63
C SER A 15 0.34 -15.08 -8.96
N ASP A 16 -0.06 -16.12 -8.21
CA ASP A 16 -1.32 -16.84 -8.33
C ASP A 16 -2.47 -15.91 -8.14
N ILE A 17 -2.43 -15.09 -7.07
CA ILE A 17 -3.47 -14.13 -6.70
C ILE A 17 -3.69 -13.12 -7.84
N VAL A 18 -2.60 -12.52 -8.35
CA VAL A 18 -2.63 -11.48 -9.39
C VAL A 18 -3.13 -12.07 -10.70
N ARG A 19 -2.68 -13.27 -10.99
CA ARG A 19 -3.08 -14.03 -12.18
C ARG A 19 -4.59 -14.26 -12.17
N MET A 20 -5.19 -14.69 -11.03
CA MET A 20 -6.64 -14.90 -10.88
C MET A 20 -7.40 -13.59 -11.01
N ILE A 21 -6.84 -12.48 -10.44
CA ILE A 21 -7.47 -11.15 -10.54
C ILE A 21 -7.50 -10.76 -12.03
N LEU A 22 -6.35 -10.88 -12.76
CA LEU A 22 -6.25 -10.55 -14.19
C LEU A 22 -7.14 -11.43 -15.05
N LEU A 23 -7.44 -12.65 -14.59
CA LEU A 23 -8.33 -13.57 -15.28
C LEU A 23 -9.79 -13.09 -15.17
N ILE A 24 -10.24 -12.76 -13.95
CA ILE A 24 -11.57 -12.29 -13.61
C ILE A 24 -11.85 -10.94 -14.32
N LYS A 25 -10.86 -10.03 -14.31
CA LYS A 25 -10.94 -8.71 -14.93
C LYS A 25 -11.00 -8.78 -16.45
N GLY A 26 -10.53 -9.91 -17.01
CA GLY A 26 -10.45 -10.13 -18.44
C GLY A 26 -9.34 -9.30 -19.08
N ALA A 27 -8.29 -9.00 -18.29
CA ALA A 27 -7.16 -8.17 -18.72
C ALA A 27 -6.27 -8.91 -19.68
N ASN A 28 -5.92 -8.24 -20.78
CA ASN A 28 -5.02 -8.82 -21.78
C ASN A 28 -3.58 -8.53 -21.35
N ALA A 29 -3.08 -9.41 -20.47
CA ALA A 29 -1.73 -9.36 -19.91
C ALA A 29 -0.91 -10.54 -20.42
N LYS A 30 0.41 -10.35 -20.56
CA LYS A 30 1.31 -11.39 -21.01
C LYS A 30 2.06 -11.95 -19.78
N ILE A 31 1.61 -13.12 -19.27
CA ILE A 31 2.20 -13.77 -18.09
C ILE A 31 3.50 -14.45 -18.53
N VAL A 32 4.61 -14.07 -17.88
CA VAL A 32 5.95 -14.58 -18.12
C VAL A 32 6.49 -15.22 -16.83
N ASP A 33 6.75 -16.54 -16.85
CA ASP A 33 7.27 -17.26 -15.69
C ASP A 33 8.79 -17.21 -15.76
N VAL A 34 9.39 -16.30 -14.98
CA VAL A 34 10.83 -16.06 -14.94
C VAL A 34 11.61 -17.29 -14.40
N SER A 35 10.95 -18.16 -13.59
CA SER A 35 11.61 -19.36 -13.03
C SER A 35 11.98 -20.36 -14.15
N LYS A 36 11.27 -20.28 -15.29
CA LYS A 36 11.51 -21.10 -16.47
C LYS A 36 12.73 -20.57 -17.25
N GLU A 37 13.60 -21.50 -17.70
CA GLU A 37 14.81 -21.19 -18.47
C GLU A 37 14.49 -20.68 -19.88
N GLU A 38 13.29 -21.06 -20.41
CA GLU A 38 12.74 -20.72 -21.73
C GLU A 38 12.89 -19.22 -22.08
N ASN A 39 12.80 -18.34 -21.07
CA ASN A 39 12.92 -16.90 -21.25
C ASN A 39 13.73 -16.27 -20.11
N SER A 40 15.05 -16.27 -20.29
CA SER A 40 16.02 -15.68 -19.36
C SER A 40 16.14 -14.18 -19.65
N LYS A 41 15.76 -13.77 -20.88
CA LYS A 41 15.75 -12.41 -21.41
C LYS A 41 14.82 -11.49 -20.61
N HIS A 42 13.71 -12.05 -20.09
CA HIS A 42 12.70 -11.33 -19.31
C HIS A 42 13.17 -11.10 -17.87
N LEU A 43 13.95 -12.05 -17.30
CA LEU A 43 14.50 -11.93 -15.94
C LEU A 43 15.51 -10.77 -15.89
N GLU A 44 16.29 -10.59 -16.98
CA GLU A 44 17.28 -9.52 -17.13
C GLU A 44 16.59 -8.14 -17.13
N GLU A 45 15.50 -8.00 -17.91
CA GLU A 45 14.73 -6.76 -18.00
C GLU A 45 14.04 -6.43 -16.67
N LEU A 46 13.64 -7.47 -15.90
CA LEU A 46 12.99 -7.34 -14.60
C LEU A 46 13.92 -6.71 -13.57
N ASN A 47 15.20 -7.11 -13.54
CA ASN A 47 16.20 -6.60 -12.61
C ASN A 47 16.64 -5.17 -12.96
N ILE A 48 16.34 -4.69 -14.17
CA ILE A 48 16.62 -3.31 -14.59
C ILE A 48 15.47 -2.40 -14.08
N ILE A 49 14.21 -2.80 -14.32
CA ILE A 49 13.00 -2.03 -13.99
C ILE A 49 12.54 -2.12 -12.49
N THR A 50 13.04 -3.10 -11.71
CA THR A 50 12.68 -3.25 -10.29
C THR A 50 13.97 -3.21 -9.42
N PRO A 51 13.88 -2.84 -8.11
CA PRO A 51 15.11 -2.76 -7.30
C PRO A 51 15.81 -4.09 -7.02
N ASN A 52 15.05 -5.18 -6.80
CA ASN A 52 15.63 -6.48 -6.49
C ASN A 52 15.03 -7.65 -7.30
N GLY A 53 14.58 -7.39 -8.52
CA GLY A 53 13.98 -8.40 -9.40
C GLY A 53 12.81 -9.09 -8.73
N ASN A 54 11.93 -8.28 -8.14
CA ASN A 54 10.76 -8.65 -7.34
C ASN A 54 9.72 -9.44 -8.14
N ILE A 55 9.21 -10.52 -7.53
CA ILE A 55 8.16 -11.37 -8.12
C ILE A 55 6.98 -11.44 -7.15
N PRO A 56 5.77 -11.10 -7.64
CA PRO A 56 5.44 -10.73 -9.03
C PRO A 56 5.65 -9.24 -9.31
N THR A 57 5.71 -8.91 -10.62
CA THR A 57 5.80 -7.54 -11.06
C THR A 57 4.81 -7.34 -12.20
N LEU A 58 3.89 -6.39 -12.01
CA LEU A 58 2.97 -6.00 -13.07
C LEU A 58 3.61 -4.84 -13.80
N SER A 59 3.95 -5.06 -15.06
CA SER A 59 4.62 -4.09 -15.90
C SER A 59 3.71 -3.57 -16.97
N THR A 60 3.91 -2.28 -17.26
CA THR A 60 3.24 -1.56 -18.31
C THR A 60 4.31 -0.69 -18.99
N ASP A 61 3.91 -0.10 -20.10
CA ASP A 61 4.69 0.84 -20.89
C ASP A 61 5.05 2.08 -20.06
N ASP A 62 4.26 2.36 -19.01
CA ASP A 62 4.33 3.52 -18.13
C ASP A 62 4.87 3.22 -16.71
N PHE A 63 4.85 1.96 -16.25
CA PHE A 63 5.28 1.62 -14.90
C PHE A 63 5.62 0.15 -14.69
N ALA A 64 6.17 -0.17 -13.52
CA ALA A 64 6.39 -1.53 -13.01
C ALA A 64 6.00 -1.52 -11.53
N VAL A 65 5.06 -2.36 -11.12
CA VAL A 65 4.58 -2.37 -9.73
C VAL A 65 4.79 -3.81 -9.16
N TYR A 66 5.28 -3.91 -7.89
CA TYR A 66 5.55 -5.21 -7.27
C TYR A 66 4.91 -5.39 -5.88
N ARG A 67 4.51 -4.29 -5.19
CA ARG A 67 3.80 -4.44 -3.92
C ARG A 67 2.36 -4.87 -4.23
N LEU A 68 1.90 -5.99 -3.63
CA LEU A 68 0.59 -6.62 -3.88
C LEU A 68 -0.62 -5.64 -3.83
N SER A 69 -0.73 -4.83 -2.76
CA SER A 69 -1.87 -3.92 -2.61
C SER A 69 -1.90 -2.85 -3.72
N VAL A 70 -0.71 -2.42 -4.15
CA VAL A 70 -0.50 -1.42 -5.21
C VAL A 70 -0.81 -2.09 -6.56
N ILE A 71 -0.47 -3.39 -6.72
CA ILE A 71 -0.80 -4.16 -7.92
C ILE A 71 -2.34 -4.22 -8.02
N ILE A 72 -3.04 -4.59 -6.91
CA ILE A 72 -4.50 -4.74 -6.90
C ILE A 72 -5.20 -3.40 -7.22
N GLU A 73 -4.69 -2.28 -6.69
CA GLU A 73 -5.25 -0.95 -6.93
C GLU A 73 -5.06 -0.50 -8.38
N ALA A 74 -3.85 -0.74 -8.95
CA ALA A 74 -3.53 -0.42 -10.34
C ALA A 74 -4.42 -1.21 -11.31
N ILE A 75 -4.69 -2.51 -11.03
CA ILE A 75 -5.53 -3.34 -11.87
C ILE A 75 -6.98 -2.79 -11.83
N GLU A 76 -7.45 -2.41 -10.63
CA GLU A 76 -8.81 -1.86 -10.42
C GLU A 76 -9.00 -0.51 -11.12
N ASP A 77 -7.96 0.35 -11.10
CA ASP A 77 -8.01 1.64 -11.78
C ASP A 77 -8.18 1.46 -13.29
N LEU A 78 -7.46 0.49 -13.89
CA LEU A 78 -7.47 0.23 -15.33
C LEU A 78 -8.60 -0.68 -15.76
N TYR A 79 -8.96 -1.67 -14.93
CA TYR A 79 -10.05 -2.62 -15.19
C TYR A 79 -11.02 -2.63 -13.98
N PRO A 80 -11.99 -1.70 -13.89
CA PRO A 80 -12.87 -1.69 -12.69
C PRO A 80 -13.93 -2.81 -12.63
N PHE A 81 -14.20 -3.53 -13.75
CA PHE A 81 -15.26 -4.55 -13.73
C PHE A 81 -14.76 -5.97 -13.99
N PRO A 82 -15.24 -6.95 -13.18
CA PRO A 82 -16.13 -6.79 -12.01
C PRO A 82 -15.38 -6.24 -10.80
N PRO A 83 -16.05 -5.48 -9.89
CA PRO A 83 -15.32 -4.91 -8.74
C PRO A 83 -14.80 -5.97 -7.78
N MET A 84 -13.58 -5.71 -7.26
CA MET A 84 -12.82 -6.55 -6.33
C MET A 84 -12.97 -6.01 -4.88
N PHE A 85 -13.52 -4.77 -4.71
CA PHE A 85 -13.69 -4.09 -3.41
C PHE A 85 -15.15 -3.73 -3.09
N PRO A 86 -15.56 -3.55 -1.78
CA PRO A 86 -16.92 -3.07 -1.50
C PRO A 86 -17.15 -1.67 -2.09
N VAL A 87 -18.37 -1.36 -2.54
CA VAL A 87 -18.65 -0.07 -3.19
C VAL A 87 -18.76 1.08 -2.16
N PHE A 88 -19.13 0.79 -0.90
CA PHE A 88 -19.31 1.85 0.10
C PHE A 88 -18.00 2.13 0.90
N PRO A 89 -17.72 3.42 1.22
CA PRO A 89 -16.44 3.80 1.89
C PRO A 89 -16.03 3.03 3.16
N LYS A 90 -16.93 2.89 4.17
CA LYS A 90 -16.58 2.20 5.42
C LYS A 90 -16.05 0.79 5.15
N GLN A 91 -16.79 0.02 4.34
CA GLN A 91 -16.49 -1.36 3.96
C GLN A 91 -15.22 -1.44 3.11
N ARG A 92 -15.00 -0.46 2.22
CA ARG A 92 -13.78 -0.32 1.39
C ARG A 92 -12.54 -0.20 2.27
N ALA A 93 -12.60 0.75 3.24
CA ALA A 93 -11.54 1.05 4.21
C ALA A 93 -11.20 -0.20 5.04
N ASN A 94 -12.24 -0.89 5.57
CA ASN A 94 -12.10 -2.11 6.35
C ASN A 94 -11.45 -3.23 5.54
N ALA A 95 -11.81 -3.34 4.23
CA ALA A 95 -11.28 -4.38 3.33
C ALA A 95 -9.78 -4.19 3.12
N ARG A 96 -9.35 -2.96 2.93
CA ARG A 96 -7.96 -2.62 2.67
C ARG A 96 -7.07 -2.89 3.90
N ILE A 97 -7.63 -2.65 5.09
CA ILE A 97 -6.96 -2.87 6.37
C ILE A 97 -6.84 -4.39 6.61
N LEU A 98 -7.93 -5.11 6.35
CA LEU A 98 -8.00 -6.57 6.48
C LEU A 98 -7.08 -7.24 5.47
N LEU A 99 -6.91 -6.65 4.26
CA LEU A 99 -6.01 -7.14 3.22
C LEU A 99 -4.56 -7.07 3.73
N GLU A 100 -4.24 -5.98 4.42
CA GLU A 100 -2.91 -5.78 5.00
C GLU A 100 -2.62 -6.80 6.10
N TYR A 101 -3.66 -7.11 6.91
CA TYR A 101 -3.56 -8.10 7.98
C TYR A 101 -3.28 -9.48 7.37
N VAL A 102 -4.02 -9.86 6.31
CA VAL A 102 -3.87 -11.15 5.63
C VAL A 102 -2.46 -11.21 4.99
N ASN A 103 -2.00 -10.08 4.43
CA ASN A 103 -0.69 -10.02 3.79
C ASN A 103 0.43 -10.28 4.82
N LYS A 104 0.37 -9.59 5.96
CA LYS A 104 1.35 -9.69 7.04
C LYS A 104 1.31 -11.07 7.73
N THR A 105 0.11 -11.50 8.16
CA THR A 105 -0.12 -12.74 8.90
C THR A 105 0.03 -14.02 8.04
N PHE A 106 -0.42 -14.01 6.78
CA PHE A 106 -0.38 -15.26 6.03
C PHE A 106 0.50 -15.21 4.78
N LEU A 107 0.26 -14.27 3.86
CA LEU A 107 0.97 -14.20 2.58
C LEU A 107 2.50 -14.13 2.75
N GLN A 108 2.96 -13.29 3.68
CA GLN A 108 4.39 -13.10 3.93
C GLN A 108 5.00 -14.31 4.61
N ASN A 109 4.22 -14.98 5.48
CA ASN A 109 4.64 -16.17 6.19
C ASN A 109 4.71 -17.40 5.26
N ILE A 110 3.82 -17.49 4.25
CA ILE A 110 3.82 -18.58 3.25
C ILE A 110 5.12 -18.50 2.42
N ILE A 111 5.53 -17.28 2.06
CA ILE A 111 6.72 -17.07 1.26
C ILE A 111 8.02 -17.34 2.09
N LYS A 112 7.96 -17.24 3.45
CA LYS A 112 9.07 -17.57 4.35
C LYS A 112 9.28 -19.08 4.45
N LEU A 113 8.16 -19.85 4.47
CA LEU A 113 8.15 -21.32 4.54
C LEU A 113 8.65 -21.96 3.23
N GLN A 114 8.73 -21.17 2.15
CA GLN A 114 9.19 -21.65 0.84
C GLN A 114 10.68 -21.31 0.63
N SER A 115 11.29 -20.52 1.55
CA SER A 115 12.70 -20.11 1.51
C SER A 115 13.64 -21.31 1.76
N PRO A 116 14.80 -21.42 1.04
CA PRO A 116 15.69 -22.57 1.26
C PRO A 116 16.43 -22.53 2.60
N ASP A 117 16.92 -21.36 3.05
CA ASP A 117 17.66 -21.25 4.32
C ASP A 117 16.66 -20.99 5.45
N LEU A 118 16.05 -22.08 5.96
CA LEU A 118 15.04 -22.06 7.02
C LEU A 118 15.03 -23.40 7.74
N ASP A 119 15.23 -23.38 9.06
CA ASP A 119 15.24 -24.58 9.89
C ASP A 119 13.80 -25.01 10.26
N GLU A 120 13.66 -26.24 10.81
CA GLU A 120 12.39 -26.83 11.22
C GLU A 120 11.77 -26.10 12.42
N LYS A 121 12.60 -25.49 13.29
CA LYS A 121 12.16 -24.75 14.47
C LYS A 121 11.44 -23.45 14.08
N GLN A 122 12.03 -22.68 13.12
CA GLN A 122 11.46 -21.43 12.59
C GLN A 122 10.16 -21.69 11.85
N ALA A 123 10.13 -22.78 11.07
CA ALA A 123 8.99 -23.25 10.28
C ALA A 123 7.80 -23.62 11.18
N ASN A 124 8.04 -24.24 12.35
CA ASN A 124 6.99 -24.64 13.28
C ASN A 124 6.35 -23.44 13.96
N GLU A 125 7.15 -22.37 14.21
CA GLU A 125 6.67 -21.12 14.78
C GLU A 125 5.62 -20.49 13.84
N ILE A 126 5.97 -20.40 12.53
CA ILE A 126 5.14 -19.83 11.48
C ILE A 126 3.84 -20.64 11.29
N LYS A 127 3.96 -21.99 11.14
CA LYS A 127 2.83 -22.90 10.92
C LYS A 127 1.80 -22.77 12.04
N MET A 128 2.22 -22.92 13.31
CA MET A 128 1.32 -22.81 14.45
C MET A 128 0.67 -21.41 14.53
N LEU A 129 1.45 -20.34 14.21
CA LEU A 129 0.98 -18.95 14.18
C LEU A 129 -0.19 -18.75 13.20
N MET A 130 0.00 -19.24 11.95
CA MET A 130 -0.96 -19.22 10.85
C MET A 130 -2.20 -20.08 11.17
N GLN A 131 -1.98 -21.24 11.80
CA GLN A 131 -3.01 -22.20 12.20
C GLN A 131 -3.96 -21.60 13.25
N ARG A 132 -3.41 -20.76 14.16
CA ARG A 132 -4.15 -20.12 15.24
C ARG A 132 -5.17 -19.10 14.71
N ASP A 133 -4.79 -18.27 13.72
CA ASP A 133 -5.64 -17.19 13.20
C ASP A 133 -6.44 -17.49 11.94
N ILE A 134 -6.09 -18.53 11.15
CA ILE A 134 -6.73 -18.84 9.86
C ILE A 134 -8.27 -18.87 9.89
N ILE A 135 -8.89 -19.53 10.88
CA ILE A 135 -10.36 -19.62 10.92
C ILE A 135 -10.95 -18.29 11.37
N SER A 136 -10.31 -17.62 12.36
CA SER A 136 -10.71 -16.31 12.88
C SER A 136 -10.72 -15.27 11.74
N THR A 137 -9.66 -15.28 10.90
CA THR A 137 -9.50 -14.40 9.74
C THR A 137 -10.57 -14.75 8.69
N TYR A 138 -10.75 -16.07 8.38
CA TYR A 138 -11.75 -16.55 7.42
C TYR A 138 -13.14 -16.07 7.83
N LYS A 139 -13.50 -16.25 9.11
CA LYS A 139 -14.78 -15.83 9.69
C LYS A 139 -14.95 -14.32 9.58
N LYS A 140 -13.85 -13.55 9.77
CA LYS A 140 -13.86 -12.09 9.69
C LYS A 140 -14.09 -11.62 8.24
N ILE A 141 -13.50 -12.33 7.25
CA ILE A 141 -13.63 -12.02 5.82
C ILE A 141 -15.10 -12.26 5.38
N VAL A 142 -15.70 -13.37 5.82
CA VAL A 142 -17.10 -13.73 5.50
C VAL A 142 -18.06 -12.80 6.30
N SER A 143 -17.64 -12.31 7.49
CA SER A 143 -18.41 -11.39 8.33
C SER A 143 -18.58 -10.03 7.64
N GLU A 144 -17.57 -9.61 6.85
CA GLU A 144 -17.51 -8.39 6.05
C GLU A 144 -18.52 -8.47 4.89
N ARG A 145 -18.69 -9.67 4.31
CA ARG A 145 -19.63 -9.96 3.21
C ARG A 145 -21.09 -9.74 3.62
N ALA A 155 -24.74 -11.68 -7.56
CA ALA A 155 -25.22 -12.18 -6.27
C ALA A 155 -24.10 -12.84 -5.46
N GLN A 156 -23.13 -13.51 -6.14
CA GLN A 156 -22.00 -14.21 -5.52
C GLN A 156 -20.64 -13.62 -5.97
N ASN A 157 -20.65 -12.41 -6.59
CA ASN A 157 -19.49 -11.69 -7.10
C ASN A 157 -18.33 -11.70 -6.10
N ILE A 158 -17.20 -12.35 -6.50
CA ILE A 158 -16.03 -12.52 -5.65
C ILE A 158 -15.28 -11.19 -5.44
N ASN A 159 -14.84 -10.96 -4.21
CA ASN A 159 -14.05 -9.80 -3.81
C ASN A 159 -12.66 -10.29 -3.45
N VAL A 160 -11.68 -9.40 -3.52
CA VAL A 160 -10.26 -9.68 -3.38
C VAL A 160 -9.90 -10.47 -2.08
N LEU A 161 -10.59 -10.22 -0.95
CA LEU A 161 -10.32 -10.92 0.31
C LEU A 161 -10.69 -12.40 0.24
N THR A 162 -11.85 -12.73 -0.36
CA THR A 162 -12.29 -14.12 -0.54
C THR A 162 -11.33 -14.81 -1.51
N LEU A 163 -10.92 -14.10 -2.57
CA LEU A 163 -9.99 -14.58 -3.60
C LEU A 163 -8.66 -14.96 -2.94
N ILE A 164 -8.12 -14.06 -2.08
CA ILE A 164 -6.86 -14.26 -1.40
C ILE A 164 -6.96 -15.39 -0.34
N ILE A 165 -8.04 -15.41 0.50
CA ILE A 165 -8.20 -16.44 1.54
C ILE A 165 -8.28 -17.84 0.90
N THR A 166 -8.82 -17.94 -0.33
CA THR A 166 -8.88 -19.19 -1.10
C THR A 166 -7.45 -19.69 -1.37
N PHE A 167 -6.57 -18.77 -1.77
CA PHE A 167 -5.19 -19.10 -2.05
C PHE A 167 -4.43 -19.45 -0.78
N VAL A 168 -4.87 -18.88 0.38
CA VAL A 168 -4.25 -19.18 1.67
C VAL A 168 -4.56 -20.66 2.01
N PHE A 169 -5.83 -21.09 1.87
CA PHE A 169 -6.21 -22.50 2.11
C PHE A 169 -5.55 -23.45 1.11
N TYR A 170 -5.36 -22.99 -0.14
CA TYR A 170 -4.70 -23.77 -1.19
C TYR A 170 -3.24 -24.01 -0.82
N TYR A 171 -2.53 -22.97 -0.33
CA TYR A 171 -1.13 -23.08 0.05
C TYR A 171 -0.95 -23.81 1.37
N PHE A 172 -1.99 -23.85 2.23
CA PHE A 172 -1.97 -24.63 3.47
C PHE A 172 -1.81 -26.10 3.07
N ILE A 173 -2.61 -26.54 2.08
CA ILE A 173 -2.59 -27.91 1.53
C ILE A 173 -1.24 -28.14 0.85
N LYS A 174 -0.79 -27.17 0.03
CA LYS A 174 0.47 -27.22 -0.70
C LYS A 174 1.66 -27.40 0.25
N LEU A 175 1.59 -26.80 1.46
CA LEU A 175 2.65 -26.87 2.45
C LEU A 175 2.38 -27.95 3.53
N LYS A 176 1.39 -28.84 3.29
CA LYS A 176 0.96 -29.95 4.16
C LYS A 176 0.58 -29.47 5.58
N ILE A 177 -0.05 -28.27 5.66
CA ILE A 177 -0.54 -27.69 6.91
C ILE A 177 -2.04 -27.95 6.96
N SER A 178 -2.52 -28.62 8.03
CA SER A 178 -3.95 -28.93 8.16
C SER A 178 -4.75 -27.69 8.52
N ILE A 179 -5.95 -27.58 7.94
CA ILE A 179 -6.86 -26.47 8.22
C ILE A 179 -7.55 -26.86 9.54
N PRO A 180 -7.25 -26.12 10.63
CA PRO A 180 -7.77 -26.51 11.97
C PRO A 180 -9.25 -26.20 12.24
N THR A 181 -10.14 -27.11 11.80
CA THR A 181 -11.59 -27.00 12.02
C THR A 181 -12.25 -28.38 11.90
N LYS A 182 -13.30 -28.59 12.70
CA LYS A 182 -14.13 -29.79 12.73
C LYS A 182 -15.55 -29.45 12.25
N ASP A 183 -15.83 -28.13 12.12
CA ASP A 183 -17.11 -27.54 11.71
C ASP A 183 -17.43 -27.88 10.26
N LYS A 184 -18.49 -28.68 10.08
CA LYS A 184 -19.04 -29.20 8.82
C LYS A 184 -19.37 -28.07 7.82
N ASN A 185 -19.95 -26.96 8.31
CA ASN A 185 -20.32 -25.80 7.49
C ASN A 185 -19.09 -25.12 6.93
N ILE A 186 -18.07 -24.85 7.78
CA ILE A 186 -16.82 -24.19 7.40
C ILE A 186 -16.08 -25.07 6.39
N ILE A 187 -16.01 -26.40 6.64
CA ILE A 187 -15.38 -27.39 5.75
C ILE A 187 -16.04 -27.33 4.34
N LYS A 188 -17.39 -27.30 4.28
CA LYS A 188 -18.19 -27.21 3.05
C LYS A 188 -17.87 -25.90 2.30
N GLU A 189 -17.76 -24.79 3.05
CA GLU A 189 -17.47 -23.46 2.52
C GLU A 189 -16.07 -23.39 1.94
N ILE A 190 -15.04 -23.94 2.65
CA ILE A 190 -13.64 -23.98 2.19
C ILE A 190 -13.55 -24.81 0.90
N LYS A 191 -14.25 -25.97 0.88
CA LYS A 191 -14.31 -26.86 -0.28
C LYS A 191 -14.97 -26.14 -1.47
N GLU A 192 -15.97 -25.29 -1.18
CA GLU A 192 -16.69 -24.51 -2.18
C GLU A 192 -15.78 -23.42 -2.77
N LEU A 193 -14.92 -22.79 -1.92
CA LEU A 193 -13.96 -21.78 -2.35
C LEU A 193 -12.95 -22.40 -3.31
N LEU A 194 -12.40 -23.55 -2.91
CA LEU A 194 -11.39 -24.29 -3.64
C LEU A 194 -11.90 -24.94 -4.94
N SER A 195 -13.21 -24.83 -5.20
CA SER A 195 -13.81 -25.39 -6.43
C SER A 195 -14.36 -24.29 -7.35
N GLU A 196 -14.06 -23.01 -7.05
CA GLU A 196 -14.46 -21.87 -7.86
C GLU A 196 -13.83 -22.01 -9.27
N PRO A 197 -14.65 -21.88 -10.35
CA PRO A 197 -14.12 -22.11 -11.72
C PRO A 197 -12.87 -21.30 -12.09
N ASN A 198 -12.81 -20.02 -11.71
CA ASN A 198 -11.64 -19.17 -12.01
C ASN A 198 -10.42 -19.55 -11.17
N PHE A 199 -10.62 -20.12 -9.96
CA PHE A 199 -9.53 -20.58 -9.11
C PHE A 199 -8.86 -21.80 -9.78
N ILE A 200 -9.70 -22.81 -10.21
CA ILE A 200 -9.27 -24.01 -10.92
C ILE A 200 -8.49 -23.61 -12.17
N LYS A 201 -9.08 -22.70 -12.98
CA LYS A 201 -8.52 -22.16 -14.22
C LYS A 201 -7.13 -21.57 -13.99
N THR A 202 -6.95 -20.78 -12.89
CA THR A 202 -5.69 -20.16 -12.49
C THR A 202 -4.65 -21.25 -12.08
N ILE A 203 -5.09 -22.25 -11.29
CA ILE A 203 -4.28 -23.35 -10.78
C ILE A 203 -3.77 -24.24 -11.95
N LYS A 204 -4.56 -24.36 -13.02
CA LYS A 204 -4.20 -25.17 -14.18
C LYS A 204 -3.57 -24.33 -15.30
N ALA A 205 -3.39 -23.00 -15.08
CA ALA A 205 -2.77 -22.11 -16.05
C ALA A 205 -1.25 -22.33 -16.09
N ALA B 3 -17.99 12.74 14.62
CA ALA B 3 -17.17 13.72 13.91
C ALA B 3 -15.76 13.17 13.55
N MET B 4 -15.07 13.87 12.64
CA MET B 4 -13.74 13.49 12.15
C MET B 4 -12.64 13.85 13.14
N LEU B 5 -11.78 12.89 13.46
CA LEU B 5 -10.65 13.06 14.37
C LEU B 5 -9.39 12.49 13.75
N LEU B 6 -8.31 13.26 13.79
CA LEU B 6 -7.02 12.81 13.30
C LEU B 6 -6.03 12.76 14.45
N TYR B 7 -5.56 11.55 14.73
CA TYR B 7 -4.56 11.29 15.76
C TYR B 7 -3.22 11.54 15.11
N THR B 8 -2.52 12.58 15.58
CA THR B 8 -1.22 12.96 15.04
C THR B 8 -0.12 12.75 16.08
N LYS B 9 1.11 13.01 15.66
CA LYS B 9 2.32 12.93 16.46
C LYS B 9 3.25 14.03 15.94
N LYS B 10 4.02 14.65 16.85
CA LYS B 10 4.97 15.72 16.53
C LYS B 10 6.05 15.22 15.58
N ASP B 11 6.36 16.08 14.57
CA ASP B 11 7.38 15.94 13.52
C ASP B 11 7.23 14.61 12.76
N ASP B 12 5.97 14.24 12.44
CA ASP B 12 5.63 13.03 11.68
C ASP B 12 5.16 13.43 10.27
N ILE B 13 5.96 13.13 9.23
CA ILE B 13 5.66 13.51 7.84
C ILE B 13 4.25 13.07 7.45
N TYR B 14 3.82 11.85 7.85
CA TYR B 14 2.51 11.29 7.53
C TYR B 14 1.37 12.13 8.11
N SER B 15 1.46 12.53 9.39
CA SER B 15 0.50 13.38 10.09
C SER B 15 0.31 14.71 9.35
N ASP B 16 1.43 15.31 8.98
CA ASP B 16 1.54 16.58 8.28
C ASP B 16 0.84 16.53 6.96
N ILE B 17 1.09 15.46 6.17
CA ILE B 17 0.51 15.25 4.85
C ILE B 17 -1.02 15.18 4.94
N VAL B 18 -1.56 14.39 5.88
CA VAL B 18 -2.98 14.14 6.06
C VAL B 18 -3.66 15.43 6.54
N ARG B 19 -3.01 16.17 7.42
CA ARG B 19 -3.53 17.44 7.88
C ARG B 19 -3.65 18.46 6.75
N MET B 20 -2.66 18.53 5.88
CA MET B 20 -2.75 19.41 4.72
C MET B 20 -3.87 18.95 3.76
N ILE B 21 -4.01 17.61 3.53
CA ILE B 21 -5.08 17.04 2.68
C ILE B 21 -6.45 17.46 3.26
N LEU B 22 -6.64 17.28 4.59
CA LEU B 22 -7.88 17.63 5.28
C LEU B 22 -8.18 19.11 5.23
N LEU B 23 -7.12 19.93 5.13
CA LEU B 23 -7.26 21.38 5.04
C LEU B 23 -7.80 21.78 3.66
N ILE B 24 -7.18 21.24 2.60
CA ILE B 24 -7.51 21.46 1.18
C ILE B 24 -8.92 20.95 0.87
N LYS B 25 -9.28 19.77 1.40
CA LYS B 25 -10.60 19.15 1.24
C LYS B 25 -11.70 19.95 1.95
N GLY B 26 -11.31 20.75 2.94
CA GLY B 26 -12.24 21.55 3.72
C GLY B 26 -12.98 20.73 4.74
N ALA B 27 -12.35 19.66 5.23
CA ALA B 27 -12.92 18.81 6.26
C ALA B 27 -12.61 19.45 7.58
N ASN B 28 -13.62 19.69 8.39
CA ASN B 28 -13.40 20.31 9.68
C ASN B 28 -13.12 19.17 10.65
N ALA B 29 -11.86 18.78 10.76
CA ALA B 29 -11.46 17.67 11.60
C ALA B 29 -10.81 18.14 12.91
N LYS B 30 -10.98 17.34 13.96
CA LYS B 30 -10.37 17.56 15.26
C LYS B 30 -8.98 16.94 15.17
N ILE B 31 -7.95 17.75 15.33
CA ILE B 31 -6.60 17.21 15.27
C ILE B 31 -6.08 17.10 16.70
N VAL B 32 -5.66 15.87 17.07
CA VAL B 32 -5.17 15.55 18.41
C VAL B 32 -3.73 15.01 18.32
N ASP B 33 -2.79 15.72 18.96
CA ASP B 33 -1.38 15.31 19.02
C ASP B 33 -1.20 14.40 20.25
N VAL B 34 -1.09 13.08 20.01
CA VAL B 34 -0.99 12.06 21.06
C VAL B 34 0.39 12.03 21.73
N SER B 35 1.38 12.76 21.18
CA SER B 35 2.71 12.86 21.78
C SER B 35 2.64 13.85 23.00
N LYS B 36 1.62 14.75 23.05
CA LYS B 36 1.35 15.71 24.13
C LYS B 36 0.70 14.96 25.31
N GLU B 37 1.15 15.30 26.54
CA GLU B 37 0.72 14.69 27.80
C GLU B 37 -0.77 14.98 28.18
N GLU B 38 -1.36 16.05 27.62
CA GLU B 38 -2.75 16.44 27.88
C GLU B 38 -3.72 15.58 27.06
N ASN B 39 -3.20 14.94 26.00
CA ASN B 39 -3.97 14.09 25.10
C ASN B 39 -3.79 12.60 25.42
N SER B 40 -3.26 12.30 26.63
CA SER B 40 -3.02 10.96 27.18
C SER B 40 -4.25 10.04 27.08
N LYS B 41 -5.45 10.63 27.27
CA LYS B 41 -6.74 9.95 27.22
C LYS B 41 -7.10 9.59 25.78
N HIS B 42 -6.76 10.46 24.81
CA HIS B 42 -6.97 10.18 23.39
C HIS B 42 -6.03 9.08 22.93
N LEU B 43 -4.81 9.03 23.52
CA LEU B 43 -3.81 8.01 23.24
C LEU B 43 -4.33 6.65 23.70
N GLU B 44 -4.97 6.61 24.87
CA GLU B 44 -5.57 5.42 25.46
C GLU B 44 -6.67 4.87 24.56
N GLU B 45 -7.50 5.78 23.99
CA GLU B 45 -8.58 5.45 23.08
C GLU B 45 -8.02 4.88 21.77
N LEU B 46 -6.95 5.49 21.24
CA LEU B 46 -6.30 5.08 20.02
C LEU B 46 -5.88 3.61 20.09
N ASN B 47 -5.28 3.21 21.21
CA ASN B 47 -4.80 1.84 21.40
C ASN B 47 -5.94 0.84 21.54
N ILE B 48 -7.17 1.30 21.82
CA ILE B 48 -8.37 0.46 21.88
C ILE B 48 -8.91 0.23 20.44
N ILE B 49 -9.06 1.32 19.64
CA ILE B 49 -9.63 1.31 18.29
C ILE B 49 -8.65 0.87 17.17
N THR B 50 -7.32 0.85 17.44
CA THR B 50 -6.33 0.44 16.44
C THR B 50 -5.49 -0.74 16.98
N PRO B 51 -4.91 -1.61 16.12
CA PRO B 51 -4.16 -2.76 16.63
C PRO B 51 -2.86 -2.42 17.36
N ASN B 52 -2.11 -1.39 16.90
CA ASN B 52 -0.83 -1.03 17.51
C ASN B 52 -0.68 0.47 17.80
N GLY B 53 -1.79 1.18 18.07
CA GLY B 53 -1.79 2.62 18.34
C GLY B 53 -1.09 3.38 17.23
N ASN B 54 -1.46 3.06 15.99
CA ASN B 54 -0.91 3.58 14.73
C ASN B 54 -1.08 5.09 14.57
N ILE B 55 0.00 5.79 14.14
CA ILE B 55 -0.01 7.23 13.90
C ILE B 55 0.48 7.51 12.47
N PRO B 56 -0.31 8.26 11.67
CA PRO B 56 -1.61 8.86 12.03
C PRO B 56 -2.80 7.91 11.90
N THR B 57 -3.93 8.27 12.54
CA THR B 57 -5.16 7.52 12.45
C THR B 57 -6.28 8.50 12.20
N LEU B 58 -7.00 8.29 11.09
CA LEU B 58 -8.17 9.07 10.81
C LEU B 58 -9.35 8.29 11.33
N SER B 59 -10.04 8.88 12.31
CA SER B 59 -11.20 8.30 12.95
C SER B 59 -12.46 9.05 12.49
N THR B 60 -13.38 8.32 11.81
CA THR B 60 -14.71 8.69 11.28
C THR B 60 -15.74 8.18 12.28
N ASP B 61 -17.04 8.55 12.10
CA ASP B 61 -18.13 8.05 12.94
C ASP B 61 -18.32 6.57 12.74
N ASP B 62 -17.92 6.04 11.54
CA ASP B 62 -18.10 4.65 11.16
C ASP B 62 -16.85 3.76 11.23
N PHE B 63 -15.63 4.36 11.21
CA PHE B 63 -14.39 3.58 11.22
C PHE B 63 -13.15 4.40 11.61
N ALA B 64 -12.02 3.69 11.80
CA ALA B 64 -10.69 4.19 12.11
C ALA B 64 -9.70 3.64 11.08
N VAL B 65 -9.00 4.53 10.36
CA VAL B 65 -8.04 4.10 9.34
C VAL B 65 -6.67 4.61 9.61
N TYR B 66 -5.71 3.75 9.29
CA TYR B 66 -4.27 3.94 9.35
C TYR B 66 -3.72 3.45 8.02
N ARG B 67 -2.48 3.84 7.67
CA ARG B 67 -1.75 3.63 6.40
C ARG B 67 -2.13 4.78 5.45
N LEU B 68 -1.11 5.56 5.03
CA LEU B 68 -1.27 6.76 4.21
C LEU B 68 -2.21 6.59 2.99
N SER B 69 -1.95 5.58 2.13
CA SER B 69 -2.74 5.35 0.93
C SER B 69 -4.21 5.07 1.28
N VAL B 70 -4.46 4.36 2.41
CA VAL B 70 -5.80 4.02 2.90
C VAL B 70 -6.46 5.28 3.51
N ILE B 71 -5.70 6.08 4.29
CA ILE B 71 -6.23 7.33 4.84
C ILE B 71 -6.64 8.24 3.65
N ILE B 72 -5.76 8.41 2.63
CA ILE B 72 -6.04 9.25 1.46
C ILE B 72 -7.34 8.77 0.80
N GLU B 73 -7.46 7.45 0.49
CA GLU B 73 -8.63 6.88 -0.19
C GLU B 73 -9.91 7.12 0.59
N ALA B 74 -9.88 6.95 1.92
CA ALA B 74 -11.01 7.21 2.81
C ALA B 74 -11.44 8.71 2.78
N ILE B 75 -10.45 9.62 2.77
CA ILE B 75 -10.72 11.07 2.71
C ILE B 75 -11.37 11.41 1.36
N GLU B 76 -10.83 10.81 0.27
CA GLU B 76 -11.31 11.02 -1.11
C GLU B 76 -12.72 10.48 -1.29
N ASP B 77 -13.05 9.34 -0.66
CA ASP B 77 -14.39 8.76 -0.72
C ASP B 77 -15.42 9.69 -0.09
N LEU B 78 -15.07 10.31 1.05
CA LEU B 78 -15.97 11.20 1.79
C LEU B 78 -15.95 12.64 1.28
N TYR B 79 -14.77 13.14 0.85
CA TYR B 79 -14.58 14.49 0.33
C TYR B 79 -13.86 14.40 -1.04
N PRO B 80 -14.58 14.18 -2.16
CA PRO B 80 -13.89 14.07 -3.47
C PRO B 80 -13.34 15.40 -4.05
N PHE B 81 -13.74 16.59 -3.51
CA PHE B 81 -13.29 17.85 -4.09
C PHE B 81 -12.42 18.70 -3.16
N PRO B 82 -11.30 19.26 -3.68
CA PRO B 82 -10.75 19.05 -5.04
C PRO B 82 -10.08 17.67 -5.17
N PRO B 83 -10.08 17.03 -6.36
CA PRO B 83 -9.45 15.69 -6.47
C PRO B 83 -7.94 15.73 -6.26
N MET B 84 -7.40 14.73 -5.54
CA MET B 84 -5.98 14.62 -5.20
C MET B 84 -5.21 13.86 -6.28
N PHE B 85 -5.92 13.02 -7.02
CA PHE B 85 -5.41 12.20 -8.12
C PHE B 85 -6.09 12.56 -9.44
N PRO B 86 -5.46 12.17 -10.57
CA PRO B 86 -6.10 12.37 -11.86
C PRO B 86 -7.38 11.58 -11.91
N VAL B 87 -8.34 12.11 -12.67
CA VAL B 87 -9.69 11.56 -12.75
C VAL B 87 -9.90 10.55 -13.87
N PHE B 88 -8.85 10.33 -14.64
CA PHE B 88 -8.87 9.37 -15.75
C PHE B 88 -8.03 8.15 -15.36
N PRO B 89 -8.51 6.92 -15.73
CA PRO B 89 -7.87 5.67 -15.26
C PRO B 89 -6.36 5.53 -15.41
N LYS B 90 -5.80 5.70 -16.62
CA LYS B 90 -4.36 5.51 -16.86
C LYS B 90 -3.52 6.41 -15.94
N GLN B 91 -3.86 7.69 -15.91
CA GLN B 91 -3.17 8.73 -15.15
C GLN B 91 -3.31 8.47 -13.63
N ARG B 92 -4.53 8.05 -13.19
CA ARG B 92 -4.82 7.71 -11.80
C ARG B 92 -3.92 6.55 -11.33
N ALA B 93 -3.84 5.47 -12.15
CA ALA B 93 -3.03 4.29 -11.89
C ALA B 93 -1.57 4.70 -11.74
N ASN B 94 -1.02 5.48 -12.69
CA ASN B 94 0.34 5.99 -12.68
C ASN B 94 0.65 6.82 -11.43
N ALA B 95 -0.30 7.68 -11.00
CA ALA B 95 -0.11 8.54 -9.83
C ALA B 95 -0.04 7.71 -8.54
N ARG B 96 -0.89 6.69 -8.44
CA ARG B 96 -0.94 5.83 -7.26
C ARG B 96 0.32 4.97 -7.12
N ILE B 97 0.91 4.58 -8.26
CA ILE B 97 2.15 3.80 -8.35
C ILE B 97 3.32 4.73 -7.95
N LEU B 98 3.32 5.97 -8.45
CA LEU B 98 4.33 6.98 -8.15
C LEU B 98 4.24 7.38 -6.66
N LEU B 99 3.02 7.39 -6.07
CA LEU B 99 2.80 7.65 -4.64
C LEU B 99 3.47 6.54 -3.81
N GLU B 100 3.37 5.29 -4.26
CA GLU B 100 3.99 4.15 -3.61
C GLU B 100 5.52 4.26 -3.65
N TYR B 101 6.05 4.75 -4.79
CA TYR B 101 7.48 4.94 -4.96
C TYR B 101 7.98 6.00 -3.97
N VAL B 102 7.26 7.12 -3.86
CA VAL B 102 7.62 8.22 -2.95
C VAL B 102 7.50 7.72 -1.49
N ASN B 103 6.49 6.88 -1.21
CA ASN B 103 6.28 6.36 0.13
C ASN B 103 7.47 5.47 0.55
N LYS B 104 7.86 4.54 -0.33
CA LYS B 104 8.94 3.60 -0.11
C LYS B 104 10.32 4.30 -0.04
N THR B 105 10.64 5.12 -1.07
CA THR B 105 11.91 5.80 -1.24
C THR B 105 12.11 6.98 -0.26
N PHE B 106 11.06 7.79 0.02
CA PHE B 106 11.29 8.94 0.87
C PHE B 106 10.58 8.89 2.23
N LEU B 107 9.23 8.79 2.26
CA LEU B 107 8.44 8.84 3.51
C LEU B 107 8.84 7.80 4.54
N GLN B 108 9.04 6.55 4.13
CA GLN B 108 9.44 5.48 5.03
C GLN B 108 10.84 5.67 5.54
N ASN B 109 11.74 6.24 4.70
CA ASN B 109 13.12 6.49 5.09
C ASN B 109 13.22 7.71 6.00
N ILE B 110 12.34 8.71 5.83
CA ILE B 110 12.30 9.88 6.69
C ILE B 110 11.97 9.41 8.12
N ILE B 111 11.01 8.48 8.27
CA ILE B 111 10.62 7.89 9.55
C ILE B 111 11.80 7.15 10.18
N LYS B 112 12.61 6.42 9.36
CA LYS B 112 13.75 5.64 9.83
C LYS B 112 14.84 6.54 10.41
N LEU B 113 15.08 7.72 9.78
CA LEU B 113 16.07 8.71 10.22
C LEU B 113 15.66 9.41 11.53
N GLN B 114 14.39 9.28 11.92
CA GLN B 114 13.85 9.89 13.13
C GLN B 114 13.83 8.89 14.30
N SER B 115 14.10 7.58 14.00
CA SER B 115 14.11 6.50 14.99
C SER B 115 15.29 6.61 15.97
N PRO B 116 15.09 6.33 17.28
CA PRO B 116 16.20 6.41 18.24
C PRO B 116 17.24 5.29 18.01
N ASP B 117 16.79 4.15 17.44
CA ASP B 117 17.59 2.96 17.12
C ASP B 117 18.16 3.06 15.68
N LEU B 118 18.88 4.16 15.40
CA LEU B 118 19.47 4.46 14.09
C LEU B 118 20.99 4.58 14.21
N ASP B 119 21.71 3.82 13.37
CA ASP B 119 23.18 3.81 13.26
C ASP B 119 23.76 4.91 12.37
N GLU B 120 25.06 5.12 12.42
CA GLU B 120 25.71 6.14 11.59
C GLU B 120 25.71 5.65 10.13
N LYS B 121 25.99 4.34 9.91
CA LYS B 121 26.04 3.66 8.60
C LYS B 121 24.67 3.71 7.94
N GLN B 122 23.63 3.27 8.68
CA GLN B 122 22.24 3.25 8.25
C GLN B 122 21.78 4.64 7.84
N ALA B 123 22.04 5.68 8.67
CA ALA B 123 21.61 7.06 8.39
C ALA B 123 22.24 7.63 7.10
N ASN B 124 23.53 7.34 6.88
CA ASN B 124 24.25 7.81 5.69
C ASN B 124 23.80 7.09 4.43
N GLU B 125 23.42 5.79 4.55
CA GLU B 125 22.88 4.99 3.45
C GLU B 125 21.58 5.62 2.95
N ILE B 126 20.67 5.96 3.90
CA ILE B 126 19.36 6.56 3.64
C ILE B 126 19.51 7.96 3.02
N LYS B 127 20.34 8.85 3.63
CA LYS B 127 20.56 10.22 3.17
C LYS B 127 21.09 10.21 1.72
N MET B 128 22.11 9.38 1.42
CA MET B 128 22.70 9.19 0.09
C MET B 128 21.65 8.73 -0.95
N LEU B 129 20.80 7.78 -0.53
CA LEU B 129 19.74 7.18 -1.31
C LEU B 129 18.74 8.24 -1.74
N MET B 130 18.14 8.96 -0.76
CA MET B 130 17.13 10.00 -0.99
C MET B 130 17.71 11.16 -1.81
N GLN B 131 18.96 11.55 -1.55
CA GLN B 131 19.65 12.65 -2.25
C GLN B 131 19.85 12.36 -3.75
N ARG B 132 20.09 11.09 -4.08
CA ARG B 132 20.30 10.60 -5.45
C ARG B 132 19.02 10.72 -6.30
N ASP B 133 17.86 10.34 -5.74
CA ASP B 133 16.59 10.29 -6.46
C ASP B 133 15.66 11.48 -6.29
N ILE B 134 15.86 12.30 -5.26
CA ILE B 134 14.93 13.38 -4.97
C ILE B 134 14.57 14.24 -6.23
N ILE B 135 15.57 14.78 -6.96
CA ILE B 135 15.30 15.66 -8.11
C ILE B 135 14.66 14.88 -9.24
N SER B 136 15.12 13.65 -9.49
CA SER B 136 14.58 12.74 -10.50
C SER B 136 13.07 12.49 -10.25
N THR B 137 12.71 12.23 -8.97
CA THR B 137 11.33 12.00 -8.52
C THR B 137 10.53 13.30 -8.70
N TYR B 138 11.09 14.46 -8.24
CA TYR B 138 10.45 15.77 -8.36
C TYR B 138 10.11 16.07 -9.81
N LYS B 139 11.10 15.87 -10.73
CA LYS B 139 10.96 16.07 -12.16
C LYS B 139 9.88 15.14 -12.72
N LYS B 140 9.79 13.89 -12.22
CA LYS B 140 8.81 12.90 -12.66
C LYS B 140 7.38 13.32 -12.23
N ILE B 141 7.23 13.89 -11.01
CA ILE B 141 5.95 14.35 -10.47
C ILE B 141 5.44 15.55 -11.30
N VAL B 142 6.34 16.49 -11.64
CA VAL B 142 5.99 17.68 -12.45
C VAL B 142 5.80 17.27 -13.94
N SER B 143 6.47 16.19 -14.39
CA SER B 143 6.35 15.64 -15.76
C SER B 143 4.94 15.07 -15.99
N GLU B 144 4.32 14.50 -14.94
CA GLU B 144 2.96 13.94 -14.99
C GLU B 144 1.94 15.06 -15.21
N ARG B 145 2.17 16.24 -14.58
CA ARG B 145 1.31 17.43 -14.70
C ARG B 145 1.46 18.07 -16.10
N GLU B 146 2.72 18.34 -16.54
CA GLU B 146 3.17 18.93 -17.82
C GLU B 146 2.14 19.86 -18.49
N PRO B 153 -4.88 26.99 -18.03
CA PRO B 153 -5.27 26.36 -16.76
C PRO B 153 -4.77 27.15 -15.56
N ASP B 154 -5.58 28.16 -15.13
CA ASP B 154 -5.25 29.03 -13.99
C ASP B 154 -6.29 28.92 -12.87
N ALA B 155 -5.85 29.23 -11.61
CA ALA B 155 -6.58 29.16 -10.33
C ALA B 155 -6.88 27.68 -9.94
N GLN B 156 -6.17 26.74 -10.62
CA GLN B 156 -6.27 25.28 -10.45
C GLN B 156 -5.74 24.84 -9.07
N ASN B 157 -6.16 23.64 -8.64
CA ASN B 157 -5.79 23.06 -7.35
C ASN B 157 -4.58 22.11 -7.47
N ILE B 158 -4.00 21.75 -6.31
CA ILE B 158 -2.82 20.87 -6.12
C ILE B 158 -3.25 19.37 -6.12
N ASN B 159 -2.30 18.49 -6.44
CA ASN B 159 -2.49 17.06 -6.43
C ASN B 159 -1.72 16.49 -5.23
N VAL B 160 -2.08 15.28 -4.80
CA VAL B 160 -1.48 14.62 -3.64
C VAL B 160 0.05 14.43 -3.80
N LEU B 161 0.56 14.15 -5.03
CA LEU B 161 2.00 13.97 -5.27
C LEU B 161 2.79 15.25 -5.05
N THR B 162 2.30 16.40 -5.53
CA THR B 162 2.95 17.71 -5.34
C THR B 162 2.90 18.06 -3.84
N LEU B 163 1.77 17.77 -3.18
CA LEU B 163 1.55 18.01 -1.77
C LEU B 163 2.59 17.22 -0.96
N ILE B 164 2.76 15.93 -1.27
CA ILE B 164 3.70 15.04 -0.58
C ILE B 164 5.16 15.43 -0.87
N ILE B 165 5.54 15.71 -2.14
CA ILE B 165 6.91 16.09 -2.49
C ILE B 165 7.31 17.37 -1.75
N THR B 166 6.36 18.28 -1.50
CA THR B 166 6.58 19.52 -0.74
C THR B 166 7.01 19.16 0.70
N PHE B 167 6.34 18.17 1.31
CA PHE B 167 6.66 17.72 2.64
C PHE B 167 7.99 16.97 2.66
N VAL B 168 8.38 16.35 1.53
CA VAL B 168 9.66 15.65 1.41
C VAL B 168 10.79 16.72 1.48
N PHE B 169 10.67 17.82 0.71
CA PHE B 169 11.65 18.91 0.75
C PHE B 169 11.65 19.62 2.12
N TYR B 170 10.49 19.72 2.78
CA TYR B 170 10.37 20.31 4.11
C TYR B 170 11.13 19.47 5.14
N TYR B 171 10.99 18.13 5.06
CA TYR B 171 11.67 17.22 5.99
C TYR B 171 13.15 17.07 5.68
N PHE B 172 13.56 17.34 4.42
CA PHE B 172 14.98 17.36 4.05
C PHE B 172 15.66 18.45 4.86
N ILE B 173 15.00 19.64 4.91
CA ILE B 173 15.47 20.80 5.67
C ILE B 173 15.45 20.46 7.17
N LYS B 174 14.34 19.85 7.63
CA LYS B 174 14.14 19.44 9.01
C LYS B 174 15.22 18.48 9.47
N LEU B 175 15.73 17.63 8.58
CA LEU B 175 16.77 16.64 8.90
C LEU B 175 18.18 17.10 8.47
N LYS B 176 18.32 18.41 8.13
CA LYS B 176 19.56 19.08 7.69
C LYS B 176 20.20 18.37 6.48
N ILE B 177 19.36 17.87 5.56
CA ILE B 177 19.79 17.23 4.31
C ILE B 177 19.63 18.29 3.21
N SER B 178 20.71 18.60 2.48
CA SER B 178 20.69 19.59 1.39
C SER B 178 19.93 19.06 0.20
N ILE B 179 19.17 19.95 -0.46
CA ILE B 179 18.44 19.59 -1.67
C ILE B 179 19.47 19.68 -2.82
N PRO B 180 19.86 18.53 -3.42
CA PRO B 180 20.97 18.54 -4.38
C PRO B 180 20.63 19.05 -5.79
N THR B 181 20.58 20.38 -5.95
CA THR B 181 20.34 21.03 -7.24
C THR B 181 20.98 22.43 -7.22
N LYS B 182 21.57 22.79 -8.37
CA LYS B 182 22.20 24.09 -8.65
C LYS B 182 21.32 24.85 -9.66
N ASP B 183 20.32 24.15 -10.25
CA ASP B 183 19.38 24.66 -11.24
C ASP B 183 18.45 25.71 -10.64
N LYS B 184 18.59 26.96 -11.12
CA LYS B 184 17.86 28.16 -10.71
C LYS B 184 16.34 28.00 -10.83
N ASN B 185 15.85 27.34 -11.90
CA ASN B 185 14.43 27.11 -12.14
C ASN B 185 13.85 26.16 -11.10
N ILE B 186 14.55 25.02 -10.84
CA ILE B 186 14.13 24.01 -9.87
C ILE B 186 14.12 24.63 -8.47
N ILE B 187 15.17 25.41 -8.12
CA ILE B 187 15.29 26.12 -6.83
C ILE B 187 14.07 27.05 -6.62
N LYS B 188 13.70 27.84 -7.66
CA LYS B 188 12.54 28.75 -7.67
C LYS B 188 11.24 27.97 -7.43
N GLU B 189 11.11 26.81 -8.10
CA GLU B 189 9.93 25.94 -8.03
C GLU B 189 9.79 25.33 -6.65
N ILE B 190 10.91 24.82 -6.05
CA ILE B 190 10.92 24.22 -4.69
C ILE B 190 10.54 25.30 -3.67
N LYS B 191 11.10 26.52 -3.81
CA LYS B 191 10.81 27.67 -2.96
C LYS B 191 9.34 28.06 -3.09
N GLU B 192 8.77 27.92 -4.30
CA GLU B 192 7.36 28.22 -4.58
C GLU B 192 6.46 27.18 -3.92
N LEU B 193 6.88 25.89 -3.90
CA LEU B 193 6.14 24.81 -3.22
C LEU B 193 6.07 25.07 -1.73
N LEU B 194 7.23 25.38 -1.15
CA LEU B 194 7.41 25.62 0.28
C LEU B 194 6.76 26.92 0.77
N SER B 195 6.20 27.74 -0.15
CA SER B 195 5.53 28.99 0.22
C SER B 195 4.03 28.95 -0.09
N GLU B 196 3.50 27.77 -0.44
CA GLU B 196 2.08 27.56 -0.74
C GLU B 196 1.27 27.89 0.52
N PRO B 197 0.22 28.74 0.42
CA PRO B 197 -0.52 29.18 1.61
C PRO B 197 -1.05 28.04 2.51
N ASN B 198 -1.55 26.94 1.92
CA ASN B 198 -2.05 25.80 2.71
C ASN B 198 -0.92 25.01 3.38
N PHE B 199 0.30 25.02 2.79
CA PHE B 199 1.45 24.34 3.36
C PHE B 199 1.88 25.10 4.63
N ILE B 200 2.01 26.46 4.52
CA ILE B 200 2.36 27.36 5.63
C ILE B 200 1.33 27.16 6.76
N LYS B 201 0.02 27.21 6.41
CA LYS B 201 -1.11 27.04 7.31
C LYS B 201 -1.00 25.72 8.10
N THR B 202 -0.64 24.61 7.42
CA THR B 202 -0.44 23.28 8.01
C THR B 202 0.78 23.30 8.96
N ILE B 203 1.91 23.91 8.54
CA ILE B 203 3.17 24.00 9.29
C ILE B 203 2.98 24.84 10.58
N LYS B 204 2.08 25.83 10.55
CA LYS B 204 1.82 26.69 11.69
C LYS B 204 0.59 26.21 12.51
N ALA B 205 -0.04 25.08 12.10
CA ALA B 205 -1.17 24.50 12.81
C ALA B 205 -0.72 23.81 14.09
N LYS B 206 0.52 23.24 14.10
CA LYS B 206 1.15 22.57 15.25
C LYS B 206 0.19 21.64 16.02
#